data_8P8P
#
_entry.id   8P8P
#
_cell.length_a   78.725
_cell.length_b   46.552
_cell.length_c   64.101
_cell.angle_alpha   90.000
_cell.angle_beta   94.738
_cell.angle_gamma   90.000
#
_symmetry.space_group_name_H-M   'C 1 2 1'
#
loop_
_entity.id
_entity.type
_entity.pdbx_description
1 polymer 'Histidine triad nucleotide-binding protein 1'
2 non-polymer '[(2~{R},3~{S},4~{R},5~{R})-5-imidazo[2,1-f]purin-3-yl-3,4-bis(oxidanyl)oxolan-2-yl]methyl ~{N}-[2-(1~{H}-indol-3-yl)ethyl]carbamate'
3 water water
#
_entity_poly.entity_id   1
_entity_poly.type   'polypeptide(L)'
_entity_poly.pdbx_seq_one_letter_code
;MADEIAKAQVARPGGDTIFGKIIRKEIPAKIIFEDDRCLAFHDISPQAPTHFLVIPKKHISQISVAEDDDESLLGHLMIV
GKKCAADLGLNKGYRMVVNEGSDGGQSVYHVHLHVLGGRQMHWPPG
;
_entity_poly.pdbx_strand_id   A,B
#
loop_
_chem_comp.id
_chem_comp.type
_chem_comp.name
_chem_comp.formula
X7I non-polymer '[(2~{R},3~{S},4~{R},5~{R})-5-imidazo[2,1-f]purin-3-yl-3,4-bis(oxidanyl)oxolan-2-yl]methyl ~{N}-[2-(1~{H}-indol-3-yl)ethyl]carbamate' 'C23 H23 N7 O5'
#
# COMPACT_ATOMS: atom_id res chain seq x y z
N ARG A 12 -20.89 -15.98 -0.14
CA ARG A 12 -21.58 -14.70 0.19
C ARG A 12 -20.79 -13.52 -0.36
N PRO A 13 -21.47 -12.45 -0.83
CA PRO A 13 -20.77 -11.22 -1.22
C PRO A 13 -19.98 -10.75 -0.01
N GLY A 14 -18.66 -10.62 -0.19
CA GLY A 14 -17.77 -10.07 0.82
C GLY A 14 -16.95 -11.12 1.57
N GLY A 15 -17.31 -12.40 1.42
CA GLY A 15 -16.60 -13.49 2.08
C GLY A 15 -17.02 -13.68 3.54
N ASP A 16 -16.30 -14.62 4.17
CA ASP A 16 -16.60 -15.26 5.44
C ASP A 16 -15.87 -14.59 6.61
N THR A 17 -14.85 -13.79 6.32
CA THR A 17 -14.05 -13.17 7.36
C THR A 17 -14.92 -12.13 8.06
N ILE A 18 -14.39 -11.60 9.16
N ILE A 18 -14.39 -11.59 9.16
CA ILE A 18 -14.98 -10.49 9.89
CA ILE A 18 -15.01 -10.49 9.88
C ILE A 18 -15.25 -9.32 8.95
C ILE A 18 -15.29 -9.33 8.93
N PHE A 19 -14.43 -9.14 7.91
CA PHE A 19 -14.57 -8.00 7.02
C PHE A 19 -15.76 -8.24 6.08
N GLY A 20 -15.99 -9.49 5.74
CA GLY A 20 -17.20 -9.85 5.01
C GLY A 20 -18.48 -9.48 5.77
N LYS A 21 -18.48 -9.73 7.08
CA LYS A 21 -19.60 -9.39 7.93
C LYS A 21 -19.78 -7.88 8.05
N ILE A 22 -18.69 -7.11 8.14
CA ILE A 22 -18.79 -5.65 8.12
C ILE A 22 -19.44 -5.18 6.81
N ILE A 23 -18.93 -5.66 5.67
CA ILE A 23 -19.46 -5.33 4.34
C ILE A 23 -20.98 -5.53 4.31
N ARG A 24 -21.44 -6.66 4.86
CA ARG A 24 -22.86 -6.98 4.83
C ARG A 24 -23.66 -6.34 5.98
N LYS A 25 -23.03 -5.49 6.82
CA LYS A 25 -23.70 -4.78 7.91
C LYS A 25 -24.19 -5.76 8.98
N GLU A 26 -23.51 -6.90 9.13
CA GLU A 26 -23.87 -7.89 10.12
C GLU A 26 -23.15 -7.60 11.44
N ILE A 27 -22.02 -6.91 11.35
CA ILE A 27 -21.24 -6.51 12.49
C ILE A 27 -21.03 -5.00 12.41
N PRO A 28 -21.14 -4.25 13.53
CA PRO A 28 -21.04 -2.80 13.53
C PRO A 28 -19.62 -2.33 13.20
N ALA A 29 -19.52 -1.21 12.49
CA ALA A 29 -18.23 -0.59 12.26
C ALA A 29 -18.45 0.89 12.06
N LYS A 30 -17.36 1.66 12.26
N LYS A 30 -17.38 1.68 12.19
CA LYS A 30 -17.40 3.10 12.09
CA LYS A 30 -17.48 3.11 11.97
C LYS A 30 -16.89 3.42 10.68
C LYS A 30 -17.05 3.40 10.53
N ILE A 31 -17.87 3.63 9.78
N ILE A 31 -18.03 3.46 9.61
CA ILE A 31 -17.68 3.63 8.33
CA ILE A 31 -17.76 3.61 8.19
C ILE A 31 -17.44 5.06 7.85
C ILE A 31 -17.37 5.06 7.93
N ILE A 32 -16.37 5.24 7.06
CA ILE A 32 -15.94 6.56 6.62
C ILE A 32 -16.46 6.82 5.21
N PHE A 33 -16.39 5.79 4.38
CA PHE A 33 -16.68 5.88 2.96
C PHE A 33 -17.11 4.51 2.44
N GLU A 34 -18.03 4.54 1.46
CA GLU A 34 -18.49 3.30 0.85
C GLU A 34 -18.81 3.57 -0.63
N ASP A 35 -18.38 2.68 -1.53
CA ASP A 35 -18.89 2.65 -2.90
C ASP A 35 -19.09 1.20 -3.33
N ASP A 36 -19.31 1.01 -4.65
CA ASP A 36 -19.59 -0.30 -5.19
C ASP A 36 -18.40 -1.25 -5.11
N ARG A 37 -17.17 -0.68 -4.98
N ARG A 37 -17.19 -0.67 -4.97
CA ARG A 37 -15.95 -1.48 -5.02
CA ARG A 37 -15.95 -1.44 -5.03
C ARG A 37 -15.25 -1.62 -3.66
C ARG A 37 -15.28 -1.63 -3.66
N CYS A 38 -15.54 -0.74 -2.69
CA CYS A 38 -14.74 -0.74 -1.47
C CYS A 38 -15.45 -0.07 -0.29
N LEU A 39 -14.81 -0.17 0.87
CA LEU A 39 -15.38 0.28 2.13
C LEU A 39 -14.22 0.72 2.99
N ALA A 40 -14.32 1.91 3.58
CA ALA A 40 -13.30 2.41 4.50
C ALA A 40 -13.92 2.55 5.90
N PHE A 41 -13.24 2.04 6.93
CA PHE A 41 -13.76 2.11 8.28
C PHE A 41 -12.59 2.19 9.26
N HIS A 42 -12.85 2.78 10.43
CA HIS A 42 -11.85 2.90 11.47
C HIS A 42 -11.46 1.54 12.04
N ASP A 43 -10.16 1.38 12.32
CA ASP A 43 -9.63 0.20 12.99
C ASP A 43 -10.02 0.21 14.48
N ILE A 44 -10.40 -0.95 15.00
CA ILE A 44 -10.82 -1.08 16.40
C ILE A 44 -9.63 -1.17 17.36
N SER A 45 -8.41 -1.39 16.84
N SER A 45 -8.42 -1.34 16.84
CA SER A 45 -7.20 -1.35 17.65
CA SER A 45 -7.22 -1.33 17.64
C SER A 45 -6.21 -0.34 17.04
C SER A 45 -6.20 -0.35 17.06
N PRO A 46 -6.51 0.97 17.12
CA PRO A 46 -5.71 1.98 16.42
C PRO A 46 -4.29 2.14 16.96
N GLN A 47 -3.33 2.24 16.04
CA GLN A 47 -1.91 2.34 16.36
C GLN A 47 -1.40 3.76 16.11
N ALA A 48 -2.32 4.65 15.77
CA ALA A 48 -2.01 6.06 15.60
C ALA A 48 -3.27 6.83 15.94
N PRO A 49 -3.18 8.15 16.18
CA PRO A 49 -4.39 8.94 16.44
C PRO A 49 -5.51 8.76 15.42
N THR A 50 -5.15 8.64 14.14
CA THR A 50 -6.09 8.18 13.12
C THR A 50 -5.55 6.90 12.47
N HIS A 51 -6.42 5.89 12.37
CA HIS A 51 -6.02 4.59 11.84
C HIS A 51 -7.27 3.91 11.29
N PHE A 52 -7.35 3.80 9.95
CA PHE A 52 -8.50 3.21 9.30
C PHE A 52 -8.04 2.24 8.24
N LEU A 53 -9.00 1.44 7.75
CA LEU A 53 -8.74 0.44 6.72
C LEU A 53 -9.58 0.77 5.50
N VAL A 54 -9.05 0.42 4.34
CA VAL A 54 -9.80 0.41 3.11
C VAL A 54 -9.74 -1.01 2.58
N ILE A 55 -10.90 -1.58 2.24
CA ILE A 55 -10.98 -2.96 1.82
C ILE A 55 -11.83 -3.07 0.56
N PRO A 56 -11.53 -4.08 -0.29
CA PRO A 56 -12.39 -4.36 -1.44
C PRO A 56 -13.67 -5.04 -0.95
N LYS A 57 -14.79 -4.83 -1.65
CA LYS A 57 -15.99 -5.62 -1.37
C LYS A 57 -15.87 -7.02 -1.96
N LYS A 58 -15.15 -7.17 -3.07
CA LYS A 58 -14.74 -8.46 -3.59
C LYS A 58 -13.72 -9.09 -2.63
N HIS A 59 -14.01 -10.32 -2.15
CA HIS A 59 -13.09 -11.01 -1.28
C HIS A 59 -11.89 -11.48 -2.09
N ILE A 60 -10.72 -11.00 -1.69
CA ILE A 60 -9.41 -11.46 -2.09
C ILE A 60 -8.67 -11.77 -0.80
N SER A 61 -8.15 -12.99 -0.63
CA SER A 61 -7.68 -13.40 0.69
C SER A 61 -6.41 -12.62 1.11
N GLN A 62 -5.52 -12.36 0.16
CA GLN A 62 -4.23 -11.76 0.45
C GLN A 62 -3.61 -11.27 -0.87
N ILE A 63 -2.68 -10.32 -0.75
CA ILE A 63 -2.21 -9.63 -1.94
C ILE A 63 -1.46 -10.62 -2.82
N SER A 64 -0.88 -11.66 -2.21
CA SER A 64 -0.09 -12.63 -2.98
C SER A 64 -0.92 -13.45 -3.99
N VAL A 65 -2.25 -13.48 -3.83
CA VAL A 65 -3.11 -14.24 -4.74
C VAL A 65 -3.99 -13.32 -5.58
N ALA A 66 -3.73 -12.00 -5.54
CA ALA A 66 -4.48 -11.06 -6.37
C ALA A 66 -4.26 -11.36 -7.86
N GLU A 67 -5.35 -11.25 -8.64
CA GLU A 67 -5.31 -11.51 -10.07
C GLU A 67 -4.76 -10.28 -10.80
N ASP A 68 -4.21 -10.46 -12.00
CA ASP A 68 -3.80 -9.32 -12.81
C ASP A 68 -4.95 -8.34 -12.99
N ASP A 69 -6.18 -8.82 -13.18
N ASP A 69 -6.17 -8.86 -13.12
CA ASP A 69 -7.27 -7.90 -13.46
CA ASP A 69 -7.33 -8.04 -13.43
C ASP A 69 -7.90 -7.39 -12.15
C ASP A 69 -7.79 -7.26 -12.19
N ASP A 70 -7.16 -7.55 -11.05
CA ASP A 70 -7.46 -6.85 -9.81
C ASP A 70 -6.65 -5.56 -9.67
N GLU A 71 -5.88 -5.15 -10.70
CA GLU A 71 -5.05 -3.95 -10.63
C GLU A 71 -5.84 -2.68 -10.30
N SER A 72 -6.90 -2.42 -11.06
N SER A 72 -6.90 -2.39 -11.05
CA SER A 72 -7.68 -1.19 -10.92
CA SER A 72 -7.57 -1.12 -10.88
C SER A 72 -8.24 -1.09 -9.50
C SER A 72 -8.28 -1.06 -9.51
N LEU A 73 -8.75 -2.21 -9.01
CA LEU A 73 -9.35 -2.31 -7.69
C LEU A 73 -8.30 -1.98 -6.62
N LEU A 74 -7.09 -2.53 -6.73
CA LEU A 74 -6.06 -2.28 -5.74
C LEU A 74 -5.68 -0.80 -5.77
N GLY A 75 -5.54 -0.24 -6.98
CA GLY A 75 -5.36 1.19 -7.14
C GLY A 75 -6.49 2.02 -6.53
N HIS A 76 -7.73 1.57 -6.72
CA HIS A 76 -8.86 2.23 -6.13
C HIS A 76 -8.72 2.28 -4.60
N LEU A 77 -8.19 1.22 -3.96
CA LEU A 77 -8.05 1.28 -2.50
C LEU A 77 -7.15 2.45 -2.09
N MET A 78 -6.10 2.70 -2.87
N MET A 78 -6.07 2.67 -2.84
CA MET A 78 -5.12 3.69 -2.51
CA MET A 78 -5.11 3.70 -2.53
C MET A 78 -5.65 5.11 -2.79
C MET A 78 -5.68 5.11 -2.77
N ILE A 79 -6.44 5.27 -3.85
CA ILE A 79 -7.08 6.56 -4.16
C ILE A 79 -8.13 6.89 -3.11
N VAL A 80 -8.94 5.90 -2.73
CA VAL A 80 -9.93 6.10 -1.68
C VAL A 80 -9.22 6.39 -0.34
N GLY A 81 -8.14 5.67 -0.08
CA GLY A 81 -7.35 5.92 1.12
C GLY A 81 -6.86 7.37 1.21
N LYS A 82 -6.25 7.88 0.13
CA LYS A 82 -5.70 9.23 0.14
C LYS A 82 -6.83 10.25 0.21
N LYS A 83 -7.99 10.01 -0.42
CA LYS A 83 -9.12 10.91 -0.33
C LYS A 83 -9.68 10.94 1.08
N CYS A 84 -9.81 9.78 1.72
CA CYS A 84 -10.30 9.73 3.10
C CYS A 84 -9.33 10.41 4.06
N ALA A 85 -8.02 10.23 3.86
CA ALA A 85 -7.02 10.88 4.69
C ALA A 85 -7.20 12.40 4.62
N ALA A 86 -7.37 12.88 3.39
CA ALA A 86 -7.67 14.30 3.16
C ALA A 86 -8.94 14.73 3.90
N ASP A 87 -10.05 14.00 3.72
CA ASP A 87 -11.32 14.32 4.35
C ASP A 87 -11.21 14.31 5.88
N LEU A 88 -10.32 13.49 6.44
CA LEU A 88 -10.13 13.39 7.88
C LEU A 88 -9.10 14.41 8.40
N GLY A 89 -8.48 15.20 7.52
CA GLY A 89 -7.62 16.29 7.98
C GLY A 89 -6.19 15.86 8.33
N LEU A 90 -5.71 14.79 7.69
CA LEU A 90 -4.31 14.35 7.82
C LEU A 90 -3.42 15.16 6.87
N ASN A 91 -3.37 16.47 7.13
CA ASN A 91 -2.59 17.41 6.31
C ASN A 91 -1.08 17.23 6.49
N LYS A 92 -0.58 16.73 7.62
CA LYS A 92 0.87 16.59 7.77
C LYS A 92 1.37 15.26 7.21
N GLY A 93 0.47 14.38 6.78
CA GLY A 93 0.84 13.16 6.11
C GLY A 93 0.35 11.91 6.84
N TYR A 94 0.76 10.76 6.29
CA TYR A 94 0.25 9.47 6.71
C TYR A 94 1.06 8.39 6.04
N ARG A 95 0.81 7.18 6.54
CA ARG A 95 1.43 5.96 6.06
C ARG A 95 0.34 4.95 5.69
N MET A 96 0.51 4.34 4.51
CA MET A 96 -0.34 3.29 4.02
C MET A 96 0.45 1.98 4.09
N VAL A 97 -0.17 0.92 4.58
CA VAL A 97 0.46 -0.39 4.79
C VAL A 97 -0.43 -1.51 4.25
N VAL A 98 0.14 -2.42 3.47
CA VAL A 98 -0.53 -3.68 3.18
C VAL A 98 0.38 -4.80 3.68
N ASN A 99 -0.19 -5.72 4.46
CA ASN A 99 0.57 -6.83 5.01
C ASN A 99 0.22 -8.13 4.29
N GLU A 100 1.23 -8.96 4.02
CA GLU A 100 1.06 -10.27 3.41
C GLU A 100 1.66 -11.32 4.32
N GLY A 101 0.81 -12.29 4.68
CA GLY A 101 1.28 -13.54 5.27
C GLY A 101 1.77 -13.30 6.67
N SER A 102 2.46 -14.34 7.19
N SER A 102 2.52 -14.28 7.23
CA SER A 102 2.95 -14.40 8.54
CA SER A 102 2.85 -14.24 8.64
C SER A 102 3.97 -13.29 8.80
C SER A 102 4.06 -13.34 8.93
N ASP A 103 5.06 -13.28 8.02
CA ASP A 103 6.11 -12.27 8.14
C ASP A 103 5.58 -10.83 7.98
N GLY A 104 4.59 -10.60 7.13
CA GLY A 104 4.03 -9.26 6.96
C GLY A 104 3.13 -8.86 8.13
N GLY A 105 2.49 -9.84 8.77
CA GLY A 105 1.59 -9.62 9.89
C GLY A 105 0.14 -9.51 9.42
N GLN A 106 -0.52 -10.64 9.19
CA GLN A 106 -1.88 -10.63 8.69
C GLN A 106 -2.76 -11.50 9.60
N SER A 107 -3.74 -10.90 10.28
CA SER A 107 -4.64 -11.62 11.16
C SER A 107 -6.01 -11.84 10.51
N VAL A 108 -6.34 -11.04 9.50
CA VAL A 108 -7.56 -11.23 8.74
C VAL A 108 -7.19 -11.46 7.28
N TYR A 109 -7.56 -12.63 6.71
CA TYR A 109 -7.24 -12.96 5.34
C TYR A 109 -8.31 -12.43 4.39
N HIS A 110 -8.41 -11.11 4.37
CA HIS A 110 -9.17 -10.35 3.40
C HIS A 110 -8.30 -9.12 3.13
N VAL A 111 -7.93 -8.88 1.87
CA VAL A 111 -6.95 -7.86 1.53
C VAL A 111 -7.39 -6.53 2.17
N HIS A 112 -6.46 -5.76 2.73
CA HIS A 112 -6.84 -4.48 3.33
C HIS A 112 -5.64 -3.54 3.40
N LEU A 113 -5.95 -2.23 3.21
CA LEU A 113 -4.98 -1.16 3.22
C LEU A 113 -5.13 -0.44 4.55
N HIS A 114 -4.08 -0.44 5.37
CA HIS A 114 -4.06 0.38 6.57
C HIS A 114 -3.63 1.82 6.22
N VAL A 115 -4.31 2.81 6.82
CA VAL A 115 -3.92 4.21 6.67
C VAL A 115 -3.76 4.79 8.06
N LEU A 116 -2.55 5.24 8.43
CA LEU A 116 -2.25 5.72 9.77
C LEU A 116 -1.73 7.16 9.71
N GLY A 117 -2.14 7.98 10.65
CA GLY A 117 -1.60 9.32 10.75
C GLY A 117 -2.02 10.01 12.05
N GLY A 118 -1.73 11.33 12.09
CA GLY A 118 -1.95 12.15 13.27
C GLY A 118 -0.83 12.09 14.29
N ARG A 119 0.29 11.43 13.93
CA ARG A 119 1.52 11.51 14.69
C ARG A 119 2.66 11.26 13.72
N GLN A 120 3.89 11.55 14.20
CA GLN A 120 5.08 11.18 13.44
C GLN A 120 5.18 9.66 13.34
N MET A 121 5.25 9.15 12.10
CA MET A 121 5.56 7.73 11.90
C MET A 121 7.08 7.53 11.82
N HIS A 122 7.58 6.41 12.35
CA HIS A 122 9.00 6.16 12.49
C HIS A 122 9.49 5.18 11.42
N TRP A 123 10.82 5.04 11.32
CA TRP A 123 11.44 4.13 10.39
C TRP A 123 12.36 3.21 11.20
N PRO A 124 12.46 1.88 10.92
CA PRO A 124 11.70 1.20 9.89
C PRO A 124 10.22 1.06 10.22
N PRO A 125 9.37 0.78 9.19
CA PRO A 125 7.93 0.65 9.40
C PRO A 125 7.55 -0.71 10.00
N GLY A 126 8.04 -0.97 11.23
CA GLY A 126 7.97 -2.27 11.85
C GLY A 126 9.15 -3.13 11.43
N GLY B 15 11.27 19.78 -10.66
CA GLY B 15 11.25 19.03 -9.39
C GLY B 15 11.88 17.64 -9.53
N ASP B 16 13.07 17.55 -10.15
CA ASP B 16 13.70 16.27 -10.40
C ASP B 16 14.11 15.65 -9.06
N THR B 17 14.20 14.33 -9.02
CA THR B 17 14.62 13.64 -7.81
C THR B 17 15.66 12.59 -8.15
N ILE B 18 16.23 11.98 -7.12
CA ILE B 18 17.15 10.89 -7.30
C ILE B 18 16.45 9.72 -8.03
N PHE B 19 15.16 9.54 -7.83
CA PHE B 19 14.47 8.42 -8.47
C PHE B 19 14.31 8.67 -9.97
N GLY B 20 14.15 9.95 -10.33
CA GLY B 20 14.17 10.39 -11.71
C GLY B 20 15.49 10.04 -12.40
N LYS B 21 16.62 10.24 -11.70
N LYS B 21 16.61 10.24 -11.70
CA LYS B 21 17.93 9.88 -12.21
CA LYS B 21 17.93 9.88 -12.21
C LYS B 21 18.04 8.36 -12.38
C LYS B 21 18.04 8.36 -12.38
N ILE B 22 17.41 7.60 -11.48
CA ILE B 22 17.46 6.15 -11.54
C ILE B 22 16.66 5.66 -12.76
N ILE B 23 15.47 6.22 -12.97
CA ILE B 23 14.66 5.91 -14.13
C ILE B 23 15.41 6.21 -15.43
N ARG B 24 16.15 7.34 -15.47
CA ARG B 24 16.87 7.77 -16.66
C ARG B 24 18.19 7.01 -16.87
N LYS B 25 18.51 6.13 -15.90
CA LYS B 25 19.70 5.28 -15.87
C LYS B 25 20.96 6.13 -15.69
N GLU B 26 20.83 7.29 -15.04
CA GLU B 26 21.94 8.21 -14.89
C GLU B 26 22.77 7.88 -13.65
N ILE B 27 22.20 7.16 -12.68
CA ILE B 27 22.97 6.62 -11.57
C ILE B 27 22.65 5.14 -11.40
N PRO B 28 23.58 4.35 -10.82
CA PRO B 28 23.35 2.93 -10.58
C PRO B 28 22.25 2.60 -9.58
N ALA B 29 21.59 1.48 -9.86
CA ALA B 29 20.62 0.83 -9.00
C ALA B 29 20.53 -0.63 -9.45
N LYS B 30 20.24 -1.50 -8.49
N LYS B 30 20.32 -1.53 -8.50
CA LYS B 30 20.08 -2.92 -8.74
CA LYS B 30 20.10 -2.92 -8.84
C LYS B 30 18.63 -3.18 -9.18
C LYS B 30 18.64 -3.12 -9.20
N ILE B 31 18.40 -3.19 -10.51
CA ILE B 31 17.06 -3.28 -11.07
C ILE B 31 16.57 -4.72 -11.04
N ILE B 32 15.33 -4.90 -10.56
CA ILE B 32 14.68 -6.19 -10.39
C ILE B 32 13.75 -6.45 -11.57
N PHE B 33 13.06 -5.41 -12.03
CA PHE B 33 12.05 -5.53 -13.05
C PHE B 33 11.80 -4.16 -13.64
N GLU B 34 11.56 -4.11 -14.95
CA GLU B 34 11.14 -2.88 -15.61
C GLU B 34 10.08 -3.21 -16.63
N ASP B 35 9.16 -2.26 -16.85
CA ASP B 35 8.27 -2.33 -18.00
C ASP B 35 8.16 -0.91 -18.53
N ASP B 36 7.10 -0.63 -19.26
CA ASP B 36 6.99 0.62 -19.97
C ASP B 36 6.54 1.73 -19.02
N ARG B 37 5.99 1.38 -17.83
CA ARG B 37 5.39 2.38 -16.95
C ARG B 37 5.89 2.31 -15.51
N CYS B 38 6.77 1.38 -15.17
CA CYS B 38 7.25 1.32 -13.79
C CYS B 38 8.63 0.65 -13.75
N LEU B 39 9.27 0.73 -12.57
CA LEU B 39 10.60 0.20 -12.33
C LEU B 39 10.67 -0.29 -10.88
N ALA B 40 11.21 -1.49 -10.68
CA ALA B 40 11.46 -2.01 -9.35
C ALA B 40 12.96 -2.20 -9.17
N PHE B 41 13.47 -1.72 -8.01
CA PHE B 41 14.90 -1.82 -7.71
C PHE B 41 15.14 -1.91 -6.20
N HIS B 42 16.26 -2.52 -5.81
CA HIS B 42 16.57 -2.70 -4.41
C HIS B 42 16.86 -1.34 -3.76
N ASP B 43 16.44 -1.20 -2.50
CA ASP B 43 16.61 0.06 -1.79
C ASP B 43 18.05 0.18 -1.34
N ILE B 44 18.59 1.41 -1.40
CA ILE B 44 20.01 1.60 -1.05
C ILE B 44 20.23 1.49 0.46
N SER B 45 19.16 1.68 1.24
N SER B 45 19.20 1.78 1.27
CA SER B 45 19.25 1.73 2.69
CA SER B 45 19.28 1.70 2.72
C SER B 45 18.32 0.68 3.27
C SER B 45 18.29 0.67 3.22
N PRO B 46 18.57 -0.64 3.04
CA PRO B 46 17.57 -1.67 3.31
C PRO B 46 17.27 -1.83 4.81
N GLN B 47 15.99 -2.01 5.14
CA GLN B 47 15.52 -2.13 6.53
C GLN B 47 15.04 -3.53 6.86
N ALA B 48 15.28 -4.47 5.93
CA ALA B 48 14.96 -5.88 6.06
C ALA B 48 15.85 -6.63 5.11
N PRO B 49 16.03 -7.96 5.26
CA PRO B 49 16.92 -8.70 4.37
C PRO B 49 16.60 -8.52 2.88
N THR B 50 15.30 -8.38 2.57
CA THR B 50 14.87 -7.90 1.27
C THR B 50 14.08 -6.61 1.44
N HIS B 51 14.45 -5.60 0.66
CA HIS B 51 13.83 -4.28 0.74
C HIS B 51 13.99 -3.65 -0.63
N PHE B 52 12.90 -3.59 -1.38
CA PHE B 52 12.93 -2.95 -2.68
C PHE B 52 11.78 -1.95 -2.82
N LEU B 53 11.91 -1.11 -3.85
CA LEU B 53 10.95 -0.08 -4.24
C LEU B 53 10.36 -0.46 -5.60
N VAL B 54 9.10 -0.09 -5.79
CA VAL B 54 8.46 -0.10 -7.09
C VAL B 54 7.96 1.33 -7.32
N ILE B 55 8.39 1.96 -8.42
CA ILE B 55 8.02 3.34 -8.67
C ILE B 55 7.41 3.48 -10.06
N PRO B 56 6.48 4.44 -10.28
CA PRO B 56 6.03 4.77 -11.64
C PRO B 56 7.08 5.60 -12.37
N LYS B 57 7.19 5.40 -13.69
CA LYS B 57 8.00 6.28 -14.52
C LYS B 57 7.40 7.68 -14.59
N LYS B 58 6.06 7.81 -14.53
CA LYS B 58 5.43 9.12 -14.48
C LYS B 58 5.75 9.81 -13.14
N HIS B 59 6.08 11.11 -13.19
CA HIS B 59 6.52 11.81 -12.01
C HIS B 59 5.27 12.27 -11.25
N ILE B 60 4.79 11.40 -10.36
CA ILE B 60 3.81 11.76 -9.33
C ILE B 60 4.60 12.04 -8.06
N SER B 61 4.49 13.26 -7.55
CA SER B 61 5.34 13.71 -6.44
C SER B 61 4.99 12.99 -5.14
N GLN B 62 3.70 12.69 -4.92
CA GLN B 62 3.24 12.14 -3.64
C GLN B 62 1.84 11.57 -3.85
N ILE B 63 1.51 10.52 -3.07
CA ILE B 63 0.23 9.87 -3.30
C ILE B 63 -0.89 10.89 -3.11
N SER B 64 -0.73 11.89 -2.23
CA SER B 64 -1.84 12.79 -1.97
C SER B 64 -2.27 13.53 -3.25
N VAL B 65 -1.40 13.64 -4.26
CA VAL B 65 -1.72 14.37 -5.48
C VAL B 65 -1.99 13.42 -6.66
N ALA B 66 -2.00 12.12 -6.44
CA ALA B 66 -2.39 11.18 -7.52
C ALA B 66 -3.79 11.48 -8.06
N GLU B 67 -3.95 11.40 -9.39
CA GLU B 67 -5.22 11.69 -10.05
C GLU B 67 -6.04 10.40 -10.10
N ASP B 68 -7.36 10.57 -10.19
CA ASP B 68 -8.28 9.46 -10.43
C ASP B 68 -7.78 8.56 -11.57
N ASP B 69 -7.29 9.17 -12.66
N ASP B 69 -7.24 9.20 -12.61
CA ASP B 69 -6.88 8.43 -13.85
CA ASP B 69 -6.85 8.52 -13.82
C ASP B 69 -5.60 7.63 -13.59
C ASP B 69 -5.63 7.61 -13.57
N ASP B 70 -4.99 7.79 -12.41
CA ASP B 70 -3.79 7.06 -12.05
C ASP B 70 -4.07 5.77 -11.29
N GLU B 71 -5.35 5.46 -10.99
N GLU B 71 -5.35 5.40 -11.15
CA GLU B 71 -5.66 4.32 -10.12
CA GLU B 71 -5.73 4.26 -10.34
C GLU B 71 -5.01 3.05 -10.63
C GLU B 71 -5.19 2.95 -10.90
N SER B 72 -5.16 2.82 -11.94
N SER B 72 -5.22 2.73 -12.23
CA SER B 72 -4.71 1.59 -12.59
CA SER B 72 -4.70 1.46 -12.73
C SER B 72 -3.21 1.46 -12.46
C SER B 72 -3.18 1.41 -12.56
N LEU B 73 -2.52 2.57 -12.65
CA LEU B 73 -1.07 2.64 -12.51
C LEU B 73 -0.64 2.32 -11.07
N LEU B 74 -1.39 2.81 -10.07
CA LEU B 74 -1.00 2.59 -8.69
C LEU B 74 -1.18 1.12 -8.34
N GLY B 75 -2.28 0.55 -8.86
CA GLY B 75 -2.53 -0.87 -8.71
C GLY B 75 -1.43 -1.71 -9.37
N HIS B 76 -1.01 -1.28 -10.58
CA HIS B 76 0.10 -1.92 -11.26
C HIS B 76 1.35 -1.99 -10.36
N LEU B 77 1.65 -0.93 -9.60
CA LEU B 77 2.84 -0.99 -8.71
C LEU B 77 2.72 -2.15 -7.71
N MET B 78 1.51 -2.39 -7.23
N MET B 78 1.52 -2.36 -7.16
CA MET B 78 1.26 -3.37 -6.19
CA MET B 78 1.31 -3.40 -6.15
C MET B 78 1.35 -4.78 -6.78
C MET B 78 1.38 -4.79 -6.78
N ILE B 79 0.84 -4.95 -8.00
CA ILE B 79 0.90 -6.22 -8.71
C ILE B 79 2.34 -6.56 -9.05
N VAL B 80 3.07 -5.58 -9.62
CA VAL B 80 4.50 -5.75 -9.84
C VAL B 80 5.22 -6.06 -8.53
N GLY B 81 4.90 -5.33 -7.46
CA GLY B 81 5.54 -5.60 -6.20
C GLY B 81 5.31 -7.03 -5.73
N LYS B 82 4.07 -7.53 -5.84
CA LYS B 82 3.79 -8.86 -5.32
C LYS B 82 4.42 -9.92 -6.21
N LYS B 83 4.50 -9.72 -7.52
CA LYS B 83 5.20 -10.68 -8.37
C LYS B 83 6.71 -10.64 -8.13
N CYS B 84 7.31 -9.47 -7.94
CA CYS B 84 8.72 -9.42 -7.60
C CYS B 84 8.99 -10.11 -6.25
N ALA B 85 8.13 -9.90 -5.25
CA ALA B 85 8.34 -10.53 -3.95
C ALA B 85 8.40 -12.05 -4.10
N ALA B 86 7.47 -12.63 -4.89
CA ALA B 86 7.43 -14.06 -5.12
C ALA B 86 8.73 -14.52 -5.78
N ASP B 87 9.17 -13.78 -6.81
CA ASP B 87 10.38 -14.10 -7.56
C ASP B 87 11.65 -14.02 -6.70
N LEU B 88 11.66 -13.14 -5.69
CA LEU B 88 12.78 -13.00 -4.80
C LEU B 88 12.72 -13.99 -3.65
N GLY B 89 11.71 -14.88 -3.64
CA GLY B 89 11.61 -15.96 -2.66
C GLY B 89 10.97 -15.56 -1.34
N LEU B 90 10.11 -14.54 -1.33
CA LEU B 90 9.53 -14.07 -0.07
C LEU B 90 8.25 -14.85 0.26
N ASN B 91 8.40 -16.17 0.48
CA ASN B 91 7.25 -17.05 0.64
C ASN B 91 6.66 -17.00 2.06
N LYS B 92 7.34 -16.42 3.05
CA LYS B 92 6.74 -16.30 4.37
C LYS B 92 5.94 -15.01 4.51
N GLY B 93 5.99 -14.11 3.52
CA GLY B 93 5.23 -12.87 3.54
C GLY B 93 6.12 -11.62 3.44
N TYR B 94 5.46 -10.46 3.52
CA TYR B 94 6.14 -9.19 3.30
C TYR B 94 5.18 -8.05 3.63
N ARG B 95 5.74 -6.83 3.73
CA ARG B 95 4.98 -5.64 4.02
C ARG B 95 5.23 -4.60 2.91
N MET B 96 4.11 -4.04 2.40
CA MET B 96 4.13 -2.98 1.42
C MET B 96 3.80 -1.67 2.14
N VAL B 97 4.52 -0.60 1.80
CA VAL B 97 4.38 0.69 2.46
C VAL B 97 4.43 1.82 1.43
N VAL B 98 3.53 2.79 1.56
CA VAL B 98 3.66 4.08 0.91
C VAL B 98 3.58 5.16 1.98
N ASN B 99 4.56 6.05 1.99
CA ASN B 99 4.67 7.17 2.93
C ASN B 99 4.23 8.44 2.23
N GLU B 100 3.50 9.28 2.96
CA GLU B 100 3.08 10.58 2.45
C GLU B 100 3.48 11.64 3.46
N GLY B 101 4.23 12.64 3.02
CA GLY B 101 4.43 13.84 3.81
C GLY B 101 5.38 13.63 4.97
N SER B 102 5.51 14.66 5.81
CA SER B 102 6.53 14.58 6.85
C SER B 102 6.13 13.58 7.94
N ASP B 103 4.83 13.50 8.28
CA ASP B 103 4.37 12.56 9.29
C ASP B 103 4.51 11.12 8.76
N GLY B 104 4.31 10.92 7.46
CA GLY B 104 4.50 9.62 6.81
C GLY B 104 5.96 9.24 6.71
N GLY B 105 6.85 10.21 6.85
CA GLY B 105 8.29 9.99 6.67
C GLY B 105 8.65 9.76 5.20
N GLN B 106 7.99 10.47 4.28
CA GLN B 106 8.29 10.34 2.88
C GLN B 106 9.65 10.98 2.61
N SER B 107 10.57 10.22 2.04
CA SER B 107 11.95 10.69 1.96
C SER B 107 12.29 11.25 0.58
N VAL B 108 11.52 10.92 -0.47
CA VAL B 108 11.76 11.30 -1.85
C VAL B 108 10.40 11.67 -2.41
N TYR B 109 10.31 12.86 -3.05
CA TYR B 109 9.07 13.37 -3.60
C TYR B 109 8.88 12.85 -5.03
N HIS B 110 8.83 11.51 -5.10
CA HIS B 110 8.40 10.74 -6.25
C HIS B 110 7.74 9.48 -5.65
N VAL B 111 6.47 9.23 -5.99
CA VAL B 111 5.68 8.18 -5.36
C VAL B 111 6.48 6.88 -5.45
N HIS B 112 6.56 6.13 -4.34
CA HIS B 112 7.23 4.84 -4.35
C HIS B 112 6.56 3.89 -3.37
N LEU B 113 6.52 2.61 -3.80
CA LEU B 113 6.00 1.56 -2.96
C LEU B 113 7.18 0.77 -2.40
N HIS B 114 7.32 0.73 -1.07
CA HIS B 114 8.34 -0.09 -0.44
C HIS B 114 7.81 -1.51 -0.33
N VAL B 115 8.68 -2.51 -0.47
CA VAL B 115 8.31 -3.89 -0.19
C VAL B 115 9.43 -4.50 0.65
N LEU B 116 9.07 -4.97 1.85
CA LEU B 116 10.06 -5.47 2.79
C LEU B 116 9.66 -6.87 3.23
N GLY B 117 10.67 -7.75 3.32
CA GLY B 117 10.49 -9.09 3.84
C GLY B 117 11.81 -9.74 4.24
N GLY B 118 11.74 -11.03 4.57
CA GLY B 118 12.92 -11.78 4.97
C GLY B 118 13.15 -11.77 6.48
N ARG B 119 12.21 -11.15 7.22
CA ARG B 119 12.18 -11.15 8.67
C ARG B 119 10.75 -10.89 9.11
N GLN B 120 10.45 -11.18 10.37
CA GLN B 120 9.18 -10.77 10.96
C GLN B 120 9.09 -9.25 10.97
N MET B 121 7.98 -8.75 10.40
CA MET B 121 7.66 -7.34 10.48
C MET B 121 6.74 -7.11 11.68
N HIS B 122 6.91 -6.01 12.41
CA HIS B 122 6.29 -5.83 13.71
C HIS B 122 5.10 -4.86 13.64
N TRP B 123 4.47 -4.64 14.79
CA TRP B 123 3.33 -3.77 14.90
C TRP B 123 3.57 -2.94 16.15
N PRO B 124 3.39 -1.60 16.15
CA PRO B 124 2.91 -0.87 14.98
C PRO B 124 3.92 -0.76 13.82
N PRO B 125 3.48 -0.33 12.61
CA PRO B 125 4.37 -0.21 11.45
C PRO B 125 5.08 1.14 11.43
N GLY B 126 5.86 1.39 12.50
CA GLY B 126 6.41 2.70 12.80
C GLY B 126 5.43 3.54 13.60
C4 X7I C . -11.02 -4.45 12.76
C6 X7I C . -13.37 -4.76 13.18
C13 X7I C . -2.01 -6.34 12.49
C16 X7I C . 0.19 -9.33 13.17
C2 X7I C . -12.35 -2.62 12.55
C5 X7I C . -12.07 -5.31 13.13
C11 X7I C . -3.96 -7.35 10.04
C12 X7I C . -2.11 -6.01 11.05
C14 X7I C . -1.36 -7.66 12.80
C15 X7I C . -2.00 -8.84 13.05
C17 X7I C . 1.43 -9.94 13.34
N12 X7I C . -2.65 -7.13 10.27
O5' X7I C . -4.70 -6.35 10.57
C5' X7I C . -6.14 -6.55 10.56
C4' X7I C . -6.74 -5.34 11.21
O4' X7I C . -8.17 -5.54 11.29
C3' X7I C . -6.24 -5.05 12.65
O3' X7I C . -5.58 -3.78 12.72
C2' X7I C . -7.50 -5.14 13.50
O2' X7I C . -7.59 -4.29 14.62
C1' X7I C . -8.55 -4.79 12.44
N9 X7I C . -9.90 -5.23 12.76
C8 X7I C . -10.29 -6.51 13.11
N7 X7I C . -11.58 -6.59 13.37
N6 X7I C . -14.57 -5.26 13.50
N1 X7I C . -13.45 -3.39 12.87
N3 X7I C . -11.14 -3.11 12.48
C9 X7I C . -15.43 -4.17 13.39
C10 X7I C . -14.78 -3.04 12.99
O11 X7I C . -4.40 -8.33 9.45
N15 X7I C . -1.08 -9.84 13.26
C21 X7I C . 0.05 -7.95 12.87
C20 X7I C . 1.23 -7.19 12.71
C19 X7I C . 2.46 -7.80 12.88
C18 X7I C . 2.55 -9.17 13.19
#